data_3V2H
#
_entry.id   3V2H
#
_cell.length_a   89.166
_cell.length_b   89.166
_cell.length_c   140.318
_cell.angle_alpha   90.00
_cell.angle_beta   90.00
_cell.angle_gamma   90.00
#
_symmetry.space_group_name_H-M   'P 41 21 2'
#
loop_
_entity.id
_entity.type
_entity.pdbx_description
1 polymer 'D-beta-hydroxybutyrate dehydrogenase'
2 water water
#
_entity_poly.entity_id   1
_entity_poly.type   'polypeptide(L)'
_entity_poly.pdbx_seq_one_letter_code
;(MSE)HHHHHHSSGVDLGTENLYFQS(MSE)(MSE)TKTAVITGSTSGIGLAIARTLAKAGANIVLNGFGAPDEIRTVTD
EVAGLSSGTVLHHPAD(MSE)TKPSEIAD(MSE)(MSE)A(MSE)VADRFGGADILVNNAGVQFVEKIEDFPVEQWDRII
AVNLSSSFHTIRGAIPP(MSE)KKKGWGRIINIASAHGLVASPFKSAYVAAKHGI(MSE)GLTKTVALEVAESGVTVNSI
CPGYVLTPLVEKQIPDQARTRGITEEQVINEV(MSE)LKGQPTKKFITVEQVASLALYLAGDDAAQITGTHVS(MSE)DG
GWTAQ
;
_entity_poly.pdbx_strand_id   A,B
#
# COMPACT_ATOMS: atom_id res chain seq x y z
N SER A 22 15.14 -8.35 -6.07
CA SER A 22 15.62 -9.70 -6.33
C SER A 22 15.51 -10.58 -5.08
N MSE A 23 14.88 -11.72 -5.21
CA MSE A 23 14.67 -12.56 -4.04
C MSE A 23 15.51 -13.81 -4.03
O MSE A 23 15.24 -14.74 -3.32
CB MSE A 23 13.21 -12.93 -3.90
CG MSE A 23 12.30 -11.86 -4.31
SE MSE A 23 11.51 -10.94 -2.86
CE MSE A 23 12.99 -10.26 -1.90
N MSE A 24 16.61 -13.78 -4.74
CA MSE A 24 17.50 -14.92 -4.74
C MSE A 24 17.81 -15.40 -3.35
O MSE A 24 18.06 -14.64 -2.44
CB MSE A 24 18.77 -14.57 -5.45
CG MSE A 24 18.91 -15.16 -6.80
SE MSE A 24 20.73 -15.03 -7.35
CE MSE A 24 21.51 -15.66 -5.71
N THR A 25 17.86 -16.71 -3.21
CA THR A 25 18.09 -17.33 -1.89
C THR A 25 16.84 -17.40 -1.01
N LYS A 26 15.98 -16.40 -1.12
CA LYS A 26 14.77 -16.32 -0.31
C LYS A 26 13.71 -17.35 -0.71
N THR A 27 13.03 -17.91 0.29
CA THR A 27 12.04 -18.95 0.08
C THR A 27 10.63 -18.43 0.34
N ALA A 28 9.69 -18.78 -0.54
CA ALA A 28 8.33 -18.31 -0.38
C ALA A 28 7.34 -19.47 -0.34
N VAL A 29 6.55 -19.54 0.72
CA VAL A 29 5.44 -20.48 0.78
C VAL A 29 4.17 -19.72 0.39
N ILE A 30 3.33 -20.33 -0.44
CA ILE A 30 2.12 -19.65 -0.89
C ILE A 30 0.93 -20.61 -0.98
N THR A 31 -0.02 -20.43 -0.07
CA THR A 31 -1.20 -21.28 -0.02
C THR A 31 -2.21 -20.90 -1.11
N GLY A 32 -2.83 -21.91 -1.71
CA GLY A 32 -3.79 -21.70 -2.79
C GLY A 32 -3.19 -21.00 -4.00
N SER A 33 -2.05 -21.50 -4.47
CA SER A 33 -1.34 -20.84 -5.56
C SER A 33 -1.31 -21.65 -6.85
N THR A 34 -2.13 -22.70 -6.93
CA THR A 34 -2.23 -23.49 -8.14
C THR A 34 -3.09 -22.78 -9.19
N SER A 35 -3.58 -21.60 -8.82
CA SER A 35 -4.38 -20.78 -9.73
C SER A 35 -4.55 -19.38 -9.18
N GLY A 36 -5.25 -18.54 -9.94
CA GLY A 36 -5.63 -17.21 -9.49
C GLY A 36 -4.53 -16.37 -8.88
N ILE A 37 -4.91 -15.59 -7.87
CA ILE A 37 -4.02 -14.61 -7.27
C ILE A 37 -2.73 -15.21 -6.74
N GLY A 38 -2.85 -16.28 -5.96
CA GLY A 38 -1.69 -16.94 -5.40
C GLY A 38 -0.69 -17.34 -6.46
N LEU A 39 -1.18 -17.87 -7.58
CA LEU A 39 -0.34 -18.27 -8.69
C LEU A 39 0.38 -17.08 -9.31
N ALA A 40 -0.37 -16.01 -9.56
CA ALA A 40 0.22 -14.78 -10.07
C ALA A 40 1.37 -14.32 -9.17
N ILE A 41 1.19 -14.50 -7.87
CA ILE A 41 2.18 -14.04 -6.91
C ILE A 41 3.35 -15.00 -6.84
N ALA A 42 3.05 -16.29 -6.93
CA ALA A 42 4.11 -17.29 -7.02
C ALA A 42 4.98 -17.03 -8.24
N ARG A 43 4.37 -16.63 -9.36
CA ARG A 43 5.12 -16.35 -10.57
C ARG A 43 6.02 -15.13 -10.40
N THR A 44 5.46 -14.07 -9.84
CA THR A 44 6.19 -12.82 -9.66
C THR A 44 7.43 -13.05 -8.81
N LEU A 45 7.26 -13.70 -7.67
CA LEU A 45 8.38 -14.02 -6.79
C LEU A 45 9.39 -14.96 -7.46
N ALA A 46 8.91 -15.82 -8.34
CA ALA A 46 9.78 -16.74 -9.05
C ALA A 46 10.70 -16.00 -10.02
N LYS A 47 10.14 -15.04 -10.76
CA LYS A 47 10.95 -14.25 -11.68
C LYS A 47 12.04 -13.47 -10.94
N ALA A 48 11.90 -13.36 -9.63
CA ALA A 48 12.80 -12.56 -8.83
C ALA A 48 13.92 -13.40 -8.22
N GLY A 49 13.81 -14.72 -8.35
CA GLY A 49 14.87 -15.62 -7.94
C GLY A 49 14.54 -16.50 -6.74
N ALA A 50 13.33 -16.36 -6.21
CA ALA A 50 12.96 -17.04 -4.98
C ALA A 50 12.60 -18.51 -5.20
N ASN A 51 12.94 -19.35 -4.23
CA ASN A 51 12.42 -20.71 -4.20
C ASN A 51 10.94 -20.60 -3.84
N ILE A 52 10.12 -21.43 -4.47
CA ILE A 52 8.69 -21.37 -4.20
C ILE A 52 8.15 -22.71 -3.75
N VAL A 53 7.25 -22.67 -2.76
CA VAL A 53 6.49 -23.83 -2.37
C VAL A 53 5.03 -23.60 -2.67
N LEU A 54 4.54 -24.23 -3.74
CA LEU A 54 3.14 -24.13 -4.13
C LEU A 54 2.25 -25.00 -3.26
N ASN A 55 0.98 -24.61 -3.15
CA ASN A 55 0.02 -25.39 -2.40
C ASN A 55 -1.37 -25.17 -2.96
N GLY A 56 -2.20 -26.21 -2.94
CA GLY A 56 -3.58 -26.04 -3.37
C GLY A 56 -4.23 -27.20 -4.08
N PHE A 57 -5.53 -27.05 -4.29
CA PHE A 57 -6.38 -28.02 -4.95
C PHE A 57 -5.97 -28.24 -6.41
N GLY A 58 -6.48 -29.30 -7.01
CA GLY A 58 -6.22 -29.58 -8.41
C GLY A 58 -5.90 -31.03 -8.70
N ALA A 59 -6.37 -31.51 -9.86
CA ALA A 59 -6.03 -32.84 -10.34
C ALA A 59 -4.52 -32.96 -10.48
N PRO A 60 -4.00 -34.20 -10.45
CA PRO A 60 -2.56 -34.44 -10.55
C PRO A 60 -1.96 -33.80 -11.79
N ASP A 61 -2.62 -33.99 -12.93
CA ASP A 61 -2.16 -33.42 -14.20
C ASP A 61 -1.91 -31.92 -14.09
N GLU A 62 -2.86 -31.21 -13.50
CA GLU A 62 -2.75 -29.76 -13.34
C GLU A 62 -1.62 -29.36 -12.40
N ILE A 63 -1.56 -30.01 -11.24
CA ILE A 63 -0.52 -29.72 -10.24
C ILE A 63 0.90 -29.67 -10.83
N ARG A 64 1.23 -30.66 -11.66
CA ARG A 64 2.57 -30.72 -12.25
C ARG A 64 2.76 -29.73 -13.41
N THR A 65 1.70 -29.46 -14.15
CA THR A 65 1.76 -28.47 -15.21
C THR A 65 2.13 -27.11 -14.60
N VAL A 66 1.39 -26.72 -13.57
CA VAL A 66 1.61 -25.45 -12.90
C VAL A 66 2.99 -25.39 -12.24
N THR A 67 3.39 -26.49 -11.61
CA THR A 67 4.66 -26.54 -10.91
C THR A 67 5.83 -26.33 -11.86
N ASP A 68 5.72 -26.87 -13.06
CA ASP A 68 6.74 -26.67 -14.08
C ASP A 68 6.73 -25.21 -14.52
N GLU A 69 5.56 -24.76 -14.96
CA GLU A 69 5.32 -23.37 -15.36
C GLU A 69 6.12 -22.41 -14.47
N VAL A 70 5.93 -22.52 -13.16
CA VAL A 70 6.59 -21.63 -12.22
C VAL A 70 8.09 -21.94 -12.14
N ALA A 71 8.43 -23.21 -12.02
CA ALA A 71 9.83 -23.64 -12.00
C ALA A 71 10.61 -23.03 -13.16
N GLY A 72 10.00 -23.05 -14.34
CA GLY A 72 10.64 -22.53 -15.54
C GLY A 72 11.08 -21.09 -15.44
N LEU A 73 10.54 -20.36 -14.46
CA LEU A 73 10.88 -18.95 -14.27
C LEU A 73 12.01 -18.77 -13.27
N SER A 74 11.97 -19.55 -12.19
CA SER A 74 12.93 -19.41 -11.11
C SER A 74 14.19 -20.26 -11.30
N SER A 75 15.34 -19.65 -11.01
CA SER A 75 16.62 -20.37 -11.00
C SER A 75 16.77 -21.15 -9.69
N GLY A 76 15.83 -20.94 -8.77
CA GLY A 76 15.81 -21.69 -7.53
C GLY A 76 14.88 -22.88 -7.59
N THR A 77 14.68 -23.55 -6.46
CA THR A 77 13.85 -24.75 -6.40
C THR A 77 12.35 -24.43 -6.32
N VAL A 78 11.56 -25.07 -7.18
CA VAL A 78 10.12 -24.92 -7.14
C VAL A 78 9.46 -26.28 -6.96
N LEU A 79 8.59 -26.40 -5.96
CA LEU A 79 7.89 -27.66 -5.71
C LEU A 79 6.53 -27.41 -5.06
N HIS A 80 5.69 -28.44 -5.00
CA HIS A 80 4.34 -28.27 -4.50
C HIS A 80 4.04 -29.18 -3.30
N HIS A 81 3.28 -28.66 -2.36
CA HIS A 81 2.85 -29.44 -1.20
C HIS A 81 1.32 -29.49 -1.16
N PRO A 82 0.78 -30.69 -0.89
CA PRO A 82 -0.65 -30.99 -0.96
C PRO A 82 -1.41 -30.76 0.33
N ALA A 83 -0.85 -29.98 1.25
CA ALA A 83 -1.48 -29.81 2.56
C ALA A 83 -2.91 -29.29 2.41
N ASP A 84 -3.83 -29.96 3.10
CA ASP A 84 -5.23 -29.55 3.11
C ASP A 84 -5.45 -28.49 4.19
N MSE A 85 -5.88 -27.30 3.76
CA MSE A 85 -6.01 -26.17 4.67
C MSE A 85 -7.06 -26.39 5.76
O MSE A 85 -7.22 -25.55 6.65
CB MSE A 85 -6.30 -24.88 3.89
CG MSE A 85 -5.18 -24.50 2.92
SE MSE A 85 -3.39 -24.45 3.76
CE MSE A 85 -3.50 -22.70 4.61
N THR A 86 -7.77 -27.51 5.70
CA THR A 86 -8.72 -27.84 6.75
C THR A 86 -8.08 -28.73 7.81
N LYS A 87 -7.00 -29.41 7.43
CA LYS A 87 -6.30 -30.35 8.30
C LYS A 87 -4.99 -29.76 8.83
N PRO A 88 -5.04 -29.10 9.99
CA PRO A 88 -3.91 -28.36 10.55
C PRO A 88 -2.64 -29.21 10.69
N SER A 89 -2.78 -30.50 10.94
CA SER A 89 -1.62 -31.38 11.03
C SER A 89 -0.90 -31.45 9.68
N GLU A 90 -1.65 -31.42 8.58
CA GLU A 90 -1.06 -31.42 7.26
C GLU A 90 -0.35 -30.10 6.98
N ILE A 91 -0.97 -29.01 7.41
CA ILE A 91 -0.33 -27.70 7.38
C ILE A 91 0.97 -27.75 8.17
N ALA A 92 0.91 -28.43 9.32
CA ALA A 92 2.07 -28.56 10.20
C ALA A 92 3.22 -29.29 9.50
N ASP A 93 2.89 -30.32 8.73
CA ASP A 93 3.90 -31.08 8.00
C ASP A 93 4.54 -30.24 6.88
N MSE A 94 3.73 -29.49 6.16
CA MSE A 94 4.27 -28.67 5.12
C MSE A 94 5.17 -27.63 5.67
O MSE A 94 6.14 -27.26 5.10
CB MSE A 94 3.15 -27.98 4.41
CG MSE A 94 3.54 -26.72 3.79
SE MSE A 94 2.20 -26.05 2.68
CE MSE A 94 1.07 -25.28 3.96
N MSE A 95 4.80 -27.13 6.82
CA MSE A 95 5.61 -26.13 7.49
C MSE A 95 6.90 -26.75 7.98
O MSE A 95 7.96 -26.12 7.92
CB MSE A 95 4.82 -25.51 8.64
CG MSE A 95 4.80 -23.99 8.57
SE MSE A 95 4.22 -23.38 6.79
CE MSE A 95 5.07 -21.62 6.82
N ALA A 96 6.81 -27.98 8.48
CA ALA A 96 7.99 -28.70 8.94
C ALA A 96 8.92 -29.00 7.77
N MSE A 97 8.37 -29.48 6.67
CA MSE A 97 9.17 -29.79 5.49
C MSE A 97 9.94 -28.56 4.99
O MSE A 97 11.09 -28.68 4.56
CB MSE A 97 8.29 -30.35 4.37
CG MSE A 97 9.03 -30.63 3.07
SE MSE A 97 9.02 -29.10 1.83
CE MSE A 97 7.19 -29.27 1.16
N VAL A 98 9.31 -27.39 5.07
CA VAL A 98 9.95 -26.14 4.67
C VAL A 98 11.16 -25.82 5.55
N ALA A 99 10.97 -25.93 6.85
CA ALA A 99 12.05 -25.68 7.80
C ALA A 99 13.25 -26.58 7.54
N ASP A 100 12.99 -27.82 7.15
CA ASP A 100 14.04 -28.79 6.92
C ASP A 100 14.74 -28.57 5.58
N ARG A 101 13.93 -28.37 4.54
CA ARG A 101 14.44 -28.19 3.18
C ARG A 101 15.11 -26.84 2.94
N PHE A 102 14.51 -25.77 3.45
CA PHE A 102 15.04 -24.43 3.18
C PHE A 102 15.41 -23.66 4.44
N GLY A 103 15.17 -24.27 5.60
CA GLY A 103 15.44 -23.59 6.86
C GLY A 103 14.42 -22.49 7.11
N GLY A 104 13.18 -22.76 6.71
CA GLY A 104 12.09 -21.86 7.00
C GLY A 104 11.80 -20.84 5.91
N ALA A 105 10.51 -20.54 5.73
CA ALA A 105 10.07 -19.56 4.74
C ALA A 105 10.46 -18.15 5.12
N ASP A 106 11.00 -17.41 4.15
CA ASP A 106 11.30 -16.00 4.35
C ASP A 106 10.06 -15.18 4.04
N ILE A 107 9.27 -15.65 3.09
CA ILE A 107 8.03 -15.00 2.73
C ILE A 107 6.88 -15.98 2.83
N LEU A 108 5.78 -15.51 3.42
CA LEU A 108 4.61 -16.35 3.62
C LEU A 108 3.36 -15.57 3.23
N VAL A 109 2.66 -16.04 2.20
CA VAL A 109 1.42 -15.40 1.79
C VAL A 109 0.26 -16.37 1.86
N ASN A 110 -0.77 -15.98 2.60
CA ASN A 110 -1.97 -16.78 2.74
C ASN A 110 -3.03 -16.36 1.73
N ASN A 111 -3.30 -17.22 0.76
CA ASN A 111 -4.27 -16.93 -0.27
C ASN A 111 -5.40 -17.94 -0.33
N ALA A 112 -5.22 -19.09 0.32
CA ALA A 112 -6.25 -20.12 0.34
C ALA A 112 -7.56 -19.55 0.89
N GLY A 113 -8.66 -19.83 0.19
CA GLY A 113 -9.96 -19.34 0.58
C GLY A 113 -11.10 -20.00 -0.17
N VAL A 114 -12.20 -20.26 0.55
CA VAL A 114 -13.42 -20.80 -0.07
C VAL A 114 -14.60 -19.87 0.18
N GLN A 115 -15.69 -20.11 -0.53
CA GLN A 115 -16.88 -19.25 -0.42
C GLN A 115 -18.15 -20.10 -0.33
N PHE A 116 -19.20 -19.51 0.23
CA PHE A 116 -20.53 -20.14 0.21
C PHE A 116 -21.61 -19.08 0.47
N VAL A 117 -22.41 -18.81 -0.55
CA VAL A 117 -23.40 -17.76 -0.46
C VAL A 117 -24.77 -18.32 -0.08
N GLU A 118 -25.33 -17.81 1.02
CA GLU A 118 -26.64 -18.23 1.50
C GLU A 118 -26.97 -17.44 2.76
N LYS A 119 -28.21 -16.99 2.88
CA LYS A 119 -28.62 -16.24 4.07
C LYS A 119 -28.42 -17.08 5.33
N ILE A 120 -28.01 -16.41 6.40
CA ILE A 120 -27.45 -17.07 7.56
C ILE A 120 -28.33 -18.15 8.20
N GLU A 121 -29.64 -17.95 8.19
CA GLU A 121 -30.53 -18.93 8.82
C GLU A 121 -30.61 -20.24 8.04
N ASP A 122 -30.21 -20.19 6.77
CA ASP A 122 -30.14 -21.39 5.94
C ASP A 122 -28.68 -21.76 5.67
N PHE A 123 -27.78 -21.10 6.38
CA PHE A 123 -26.36 -21.35 6.18
C PHE A 123 -25.93 -22.60 6.93
N PRO A 124 -25.47 -23.62 6.19
CA PRO A 124 -25.08 -24.91 6.77
C PRO A 124 -23.93 -24.78 7.75
N VAL A 125 -24.11 -25.28 8.98
CA VAL A 125 -23.03 -25.32 9.95
C VAL A 125 -21.79 -25.91 9.29
N GLU A 126 -22.01 -27.02 8.59
CA GLU A 126 -20.98 -27.68 7.80
C GLU A 126 -20.13 -26.66 7.03
N GLN A 127 -20.81 -25.73 6.36
CA GLN A 127 -20.12 -24.73 5.53
C GLN A 127 -19.43 -23.62 6.32
N TRP A 128 -20.07 -23.15 7.38
CA TRP A 128 -19.45 -22.16 8.26
C TRP A 128 -18.11 -22.68 8.76
N ASP A 129 -18.11 -23.92 9.23
CA ASP A 129 -16.91 -24.54 9.77
C ASP A 129 -15.80 -24.65 8.73
N ARG A 130 -16.18 -24.91 7.48
CA ARG A 130 -15.21 -25.08 6.40
C ARG A 130 -14.57 -23.76 5.98
N ILE A 131 -15.39 -22.75 5.80
CA ILE A 131 -14.89 -21.43 5.42
C ILE A 131 -13.96 -20.87 6.48
N ILE A 132 -14.40 -20.89 7.73
CA ILE A 132 -13.58 -20.46 8.85
C ILE A 132 -12.24 -21.19 8.91
N ALA A 133 -12.24 -22.47 8.60
CA ALA A 133 -11.00 -23.24 8.68
C ALA A 133 -10.00 -22.80 7.62
N VAL A 134 -10.49 -22.59 6.41
CA VAL A 134 -9.60 -22.27 5.30
C VAL A 134 -9.26 -20.80 5.26
N ASN A 135 -10.24 -19.96 5.56
CA ASN A 135 -10.11 -18.52 5.39
C ASN A 135 -9.51 -17.81 6.59
N LEU A 136 -9.68 -18.39 7.78
CA LEU A 136 -9.12 -17.79 8.98
C LEU A 136 -8.10 -18.69 9.68
N SER A 137 -8.55 -19.83 10.18
CA SER A 137 -7.70 -20.69 11.01
C SER A 137 -6.41 -21.17 10.33
N SER A 138 -6.47 -21.30 9.02
CA SER A 138 -5.34 -21.83 8.28
C SER A 138 -4.15 -20.88 8.36
N SER A 139 -4.43 -19.59 8.44
CA SER A 139 -3.37 -18.59 8.53
C SER A 139 -2.72 -18.65 9.91
N PHE A 140 -3.52 -18.96 10.92
CA PHE A 140 -3.00 -19.17 12.26
C PHE A 140 -1.95 -20.29 12.22
N HIS A 141 -2.37 -21.47 11.79
CA HIS A 141 -1.50 -22.63 11.70
C HIS A 141 -0.31 -22.38 10.79
N THR A 142 -0.52 -21.60 9.76
CA THR A 142 0.53 -21.31 8.80
C THR A 142 1.57 -20.37 9.41
N ILE A 143 1.10 -19.35 10.12
CA ILE A 143 1.98 -18.34 10.71
C ILE A 143 2.77 -18.89 11.89
N ARG A 144 2.12 -19.72 12.71
CA ARG A 144 2.77 -20.27 13.90
C ARG A 144 4.05 -21.03 13.56
N GLY A 145 4.03 -21.74 12.44
CA GLY A 145 5.19 -22.51 12.01
C GLY A 145 6.23 -21.69 11.27
N ALA A 146 5.85 -20.49 10.84
CA ALA A 146 6.76 -19.62 10.10
C ALA A 146 7.51 -18.61 10.99
N ILE A 147 6.86 -18.19 12.07
CA ILE A 147 7.42 -17.15 12.93
C ILE A 147 8.80 -17.48 13.52
N PRO A 148 8.98 -18.69 14.06
CA PRO A 148 10.27 -19.03 14.68
C PRO A 148 11.44 -18.86 13.71
N PRO A 149 11.37 -19.49 12.52
CA PRO A 149 12.50 -19.34 11.61
C PRO A 149 12.76 -17.89 11.24
N MSE A 150 11.73 -17.14 10.94
CA MSE A 150 11.90 -15.76 10.58
C MSE A 150 12.51 -15.00 11.72
O MSE A 150 13.38 -14.21 11.52
CB MSE A 150 10.55 -15.17 10.27
CG MSE A 150 9.91 -15.71 9.06
SE MSE A 150 8.31 -14.86 8.75
CE MSE A 150 7.76 -15.74 7.24
N LYS A 151 12.06 -15.21 12.93
CA LYS A 151 12.66 -14.59 14.10
C LYS A 151 14.17 -14.86 14.20
N LYS A 152 14.56 -16.12 14.04
CA LYS A 152 15.98 -16.48 14.11
C LYS A 152 16.82 -15.74 13.08
N LYS A 153 16.29 -15.60 11.87
CA LYS A 153 17.00 -14.95 10.78
C LYS A 153 16.88 -13.43 10.83
N GLY A 154 15.97 -12.94 11.67
CA GLY A 154 15.79 -11.51 11.86
C GLY A 154 15.14 -10.79 10.69
N TRP A 155 14.50 -11.53 9.81
CA TRP A 155 13.80 -10.95 8.68
C TRP A 155 12.63 -11.83 8.27
N GLY A 156 11.54 -11.21 7.83
CA GLY A 156 10.37 -11.98 7.42
C GLY A 156 9.29 -11.14 6.78
N ARG A 157 8.45 -11.81 5.98
CA ARG A 157 7.36 -11.16 5.29
C ARG A 157 6.11 -12.06 5.31
N ILE A 158 5.07 -11.62 6.02
CA ILE A 158 3.80 -12.33 5.99
C ILE A 158 2.73 -11.47 5.34
N ILE A 159 2.18 -11.96 4.24
CA ILE A 159 1.21 -11.21 3.45
C ILE A 159 -0.09 -12.00 3.30
N ASN A 160 -1.07 -11.62 4.10
CA ASN A 160 -2.37 -12.28 4.07
C ASN A 160 -3.29 -11.70 3.01
N ILE A 161 -3.62 -12.50 2.00
CA ILE A 161 -4.55 -12.07 0.96
C ILE A 161 -6.00 -12.23 1.41
N ALA A 162 -6.60 -11.14 1.87
CA ALA A 162 -7.98 -11.17 2.36
C ALA A 162 -8.98 -10.74 1.29
N SER A 163 -9.50 -9.52 1.40
CA SER A 163 -10.52 -8.99 0.51
C SER A 163 -11.06 -7.66 1.03
N ALA A 164 -11.81 -6.95 0.20
CA ALA A 164 -12.50 -5.74 0.65
C ALA A 164 -13.54 -6.11 1.71
N HIS A 165 -13.88 -7.40 1.77
CA HIS A 165 -14.84 -7.88 2.76
C HIS A 165 -14.23 -7.95 4.16
N GLY A 166 -12.94 -7.64 4.26
CA GLY A 166 -12.28 -7.53 5.55
C GLY A 166 -12.55 -6.17 6.18
N LEU A 167 -13.10 -5.28 5.35
CA LEU A 167 -13.40 -3.92 5.77
C LEU A 167 -14.91 -3.69 5.84
N VAL A 168 -15.59 -3.98 4.74
CA VAL A 168 -17.05 -3.85 4.69
C VAL A 168 -17.71 -5.20 4.45
N ALA A 169 -19.01 -5.29 4.73
CA ALA A 169 -19.74 -6.53 4.56
C ALA A 169 -20.71 -6.53 3.38
N SER A 170 -21.42 -7.66 3.23
CA SER A 170 -22.42 -7.85 2.19
C SER A 170 -23.32 -8.98 2.64
N PRO A 171 -24.58 -9.01 2.19
CA PRO A 171 -25.49 -10.07 2.65
C PRO A 171 -25.13 -11.43 2.06
N PHE A 172 -25.34 -12.49 2.83
CA PHE A 172 -25.20 -13.88 2.35
C PHE A 172 -23.77 -14.38 2.23
N LYS A 173 -22.81 -13.59 2.71
CA LYS A 173 -21.42 -14.01 2.76
C LYS A 173 -20.90 -13.97 4.20
N SER A 174 -21.72 -14.45 5.13
CA SER A 174 -21.45 -14.30 6.56
C SER A 174 -20.15 -14.97 7.01
N ALA A 175 -19.94 -16.23 6.65
CA ALA A 175 -18.73 -16.92 7.06
C ALA A 175 -17.51 -16.29 6.39
N TYR A 176 -17.67 -15.91 5.13
CA TYR A 176 -16.60 -15.30 4.36
C TYR A 176 -16.18 -13.97 4.98
N VAL A 177 -17.17 -13.14 5.31
CA VAL A 177 -16.94 -11.82 5.87
C VAL A 177 -16.33 -11.88 7.28
N ALA A 178 -16.85 -12.78 8.12
CA ALA A 178 -16.33 -12.94 9.47
C ALA A 178 -14.88 -13.40 9.44
N ALA A 179 -14.56 -14.22 8.46
CA ALA A 179 -13.20 -14.76 8.30
C ALA A 179 -12.21 -13.68 7.88
N LYS A 180 -12.60 -12.86 6.92
CA LYS A 180 -11.72 -11.78 6.46
C LYS A 180 -11.46 -10.78 7.57
N HIS A 181 -12.52 -10.36 8.23
CA HIS A 181 -12.39 -9.47 9.38
C HIS A 181 -11.52 -10.12 10.45
N GLY A 182 -11.63 -11.43 10.58
CA GLY A 182 -10.80 -12.17 11.51
C GLY A 182 -9.33 -12.05 11.15
N ILE A 183 -9.03 -12.25 9.87
CA ILE A 183 -7.67 -12.12 9.38
C ILE A 183 -7.09 -10.74 9.68
N MSE A 184 -7.93 -9.71 9.54
CA MSE A 184 -7.56 -8.35 9.94
C MSE A 184 -6.97 -8.31 11.34
O MSE A 184 -5.85 -7.84 11.52
CB MSE A 184 -8.78 -7.44 9.90
CG MSE A 184 -8.75 -6.34 8.85
SE MSE A 184 -8.33 -6.98 7.05
CE MSE A 184 -8.47 -5.27 6.14
N GLY A 185 -7.72 -8.79 12.32
CA GLY A 185 -7.27 -8.75 13.69
C GLY A 185 -6.04 -9.58 13.92
N LEU A 186 -5.96 -10.72 13.23
CA LEU A 186 -4.80 -11.59 13.35
C LEU A 186 -3.56 -10.88 12.84
N THR A 187 -3.68 -10.24 11.69
CA THR A 187 -2.58 -9.49 11.09
C THR A 187 -2.06 -8.42 12.05
N LYS A 188 -2.94 -7.56 12.53
CA LYS A 188 -2.58 -6.55 13.51
C LYS A 188 -1.80 -7.16 14.69
N THR A 189 -2.41 -8.16 15.33
CA THR A 189 -1.80 -8.83 16.48
C THR A 189 -0.40 -9.32 16.20
N VAL A 190 -0.26 -10.20 15.22
CA VAL A 190 1.04 -10.80 14.94
C VAL A 190 2.07 -9.74 14.59
N ALA A 191 1.64 -8.67 13.95
CA ALA A 191 2.55 -7.57 13.65
C ALA A 191 3.14 -7.04 14.95
N LEU A 192 2.27 -6.73 15.90
CA LEU A 192 2.70 -6.19 17.18
C LEU A 192 3.65 -7.15 17.90
N GLU A 193 3.38 -8.44 17.77
CA GLU A 193 4.18 -9.45 18.46
C GLU A 193 5.61 -9.50 17.93
N VAL A 194 5.78 -9.22 16.65
CA VAL A 194 7.04 -9.45 15.98
C VAL A 194 7.65 -8.17 15.40
N ALA A 195 7.07 -7.04 15.75
CA ALA A 195 7.51 -5.75 15.22
C ALA A 195 9.02 -5.50 15.36
N GLU A 196 9.60 -5.99 16.45
CA GLU A 196 11.03 -5.76 16.71
C GLU A 196 11.93 -6.91 16.25
N SER A 197 11.38 -7.82 15.47
CA SER A 197 12.14 -8.98 15.04
C SER A 197 12.47 -8.96 13.55
N GLY A 198 12.23 -7.82 12.91
CA GLY A 198 12.58 -7.66 11.50
C GLY A 198 11.54 -8.24 10.56
N VAL A 199 10.44 -8.73 11.13
CA VAL A 199 9.32 -9.27 10.37
C VAL A 199 8.18 -8.27 10.24
N THR A 200 7.55 -8.24 9.06
CA THR A 200 6.35 -7.44 8.85
C THR A 200 5.17 -8.36 8.55
N VAL A 201 3.97 -7.94 8.91
CA VAL A 201 2.76 -8.73 8.71
C VAL A 201 1.62 -7.84 8.24
N ASN A 202 1.27 -7.95 6.96
CA ASN A 202 0.25 -7.10 6.37
C ASN A 202 -0.85 -7.89 5.64
N SER A 203 -1.84 -7.15 5.15
CA SER A 203 -2.94 -7.72 4.40
C SER A 203 -3.23 -6.94 3.12
N ILE A 204 -3.49 -7.67 2.05
CA ILE A 204 -3.94 -7.07 0.81
C ILE A 204 -5.42 -7.32 0.69
N CYS A 205 -6.17 -6.26 0.41
CA CYS A 205 -7.64 -6.35 0.33
C CYS A 205 -8.14 -6.00 -1.06
N PRO A 206 -8.13 -6.98 -1.97
CA PRO A 206 -8.56 -6.80 -3.36
C PRO A 206 -10.07 -6.65 -3.46
N GLY A 207 -10.53 -6.06 -4.55
CA GLY A 207 -11.95 -6.01 -4.85
C GLY A 207 -12.28 -7.17 -5.75
N TYR A 208 -13.29 -7.00 -6.61
CA TYR A 208 -13.64 -8.00 -7.61
C TYR A 208 -12.45 -8.21 -8.54
N VAL A 209 -11.86 -9.39 -8.47
CA VAL A 209 -10.72 -9.74 -9.31
C VAL A 209 -11.15 -10.69 -10.41
N LEU A 210 -10.59 -10.49 -11.60
CA LEU A 210 -10.88 -11.37 -12.74
C LEU A 210 -10.11 -12.69 -12.63
N THR A 211 -10.77 -13.71 -12.09
CA THR A 211 -10.15 -15.03 -11.93
C THR A 211 -10.53 -15.98 -13.06
N GLY A 240 -20.29 -2.13 -7.37
CA GLY A 240 -19.67 -1.60 -6.17
C GLY A 240 -18.26 -1.10 -6.40
N GLN A 241 -17.78 -1.22 -7.63
CA GLN A 241 -16.45 -0.73 -7.99
C GLN A 241 -16.54 0.46 -8.93
N PRO A 242 -16.44 1.68 -8.36
CA PRO A 242 -16.53 2.93 -9.10
C PRO A 242 -15.58 2.96 -10.30
N THR A 243 -14.52 2.18 -10.24
CA THR A 243 -13.52 2.16 -11.29
C THR A 243 -14.05 1.44 -12.53
N LYS A 244 -15.08 0.60 -12.33
CA LYS A 244 -15.71 -0.15 -13.42
C LYS A 244 -14.71 -0.97 -14.24
N LYS A 245 -13.71 -1.51 -13.56
CA LYS A 245 -12.71 -2.35 -14.18
C LYS A 245 -12.34 -3.47 -13.22
N PHE A 246 -12.09 -4.65 -13.77
CA PHE A 246 -11.69 -5.79 -12.95
C PHE A 246 -10.25 -5.64 -12.50
N ILE A 247 -9.99 -5.96 -11.23
CA ILE A 247 -8.64 -6.02 -10.72
C ILE A 247 -7.98 -7.25 -11.31
N THR A 248 -6.82 -7.07 -11.96
CA THR A 248 -6.11 -8.19 -12.55
C THR A 248 -5.18 -8.85 -11.53
N VAL A 249 -4.91 -10.14 -11.74
CA VAL A 249 -4.09 -10.90 -10.82
C VAL A 249 -2.65 -10.40 -10.84
N GLU A 250 -2.22 -9.87 -11.98
CA GLU A 250 -0.89 -9.29 -12.09
C GLU A 250 -0.80 -8.04 -11.23
N GLN A 251 -1.89 -7.27 -11.18
CA GLN A 251 -1.93 -6.05 -10.39
C GLN A 251 -1.75 -6.38 -8.92
N VAL A 252 -2.58 -7.28 -8.41
CA VAL A 252 -2.49 -7.71 -7.03
C VAL A 252 -1.10 -8.23 -6.69
N ALA A 253 -0.51 -8.97 -7.62
CA ALA A 253 0.79 -9.58 -7.39
C ALA A 253 1.89 -8.52 -7.30
N SER A 254 1.72 -7.42 -8.02
CA SER A 254 2.70 -6.34 -7.98
C SER A 254 2.72 -5.69 -6.60
N LEU A 255 1.55 -5.64 -5.96
CA LEU A 255 1.45 -5.09 -4.62
C LEU A 255 2.12 -6.03 -3.62
N ALA A 256 1.97 -7.33 -3.84
CA ALA A 256 2.61 -8.32 -2.99
C ALA A 256 4.11 -8.16 -3.11
N LEU A 257 4.58 -8.04 -4.34
CA LEU A 257 6.01 -7.93 -4.61
C LEU A 257 6.60 -6.75 -3.86
N TYR A 258 5.85 -5.65 -3.80
CA TYR A 258 6.35 -4.46 -3.12
C TYR A 258 6.53 -4.69 -1.61
N LEU A 259 5.51 -5.25 -0.97
CA LEU A 259 5.51 -5.48 0.47
C LEU A 259 6.58 -6.46 0.90
N ALA A 260 7.00 -7.32 -0.02
CA ALA A 260 8.06 -8.28 0.27
C ALA A 260 9.44 -7.61 0.22
N GLY A 261 9.56 -6.55 -0.56
CA GLY A 261 10.81 -5.83 -0.69
C GLY A 261 11.30 -5.24 0.63
N ASP A 262 12.56 -4.84 0.66
CA ASP A 262 13.16 -4.27 1.86
C ASP A 262 12.61 -2.86 2.18
N ASP A 263 12.26 -2.12 1.14
CA ASP A 263 11.71 -0.78 1.33
C ASP A 263 10.46 -0.81 2.23
N ALA A 264 9.64 -1.85 2.06
CA ALA A 264 8.37 -1.96 2.77
C ALA A 264 8.54 -2.52 4.18
N ALA A 265 9.71 -2.28 4.77
CA ALA A 265 9.99 -2.78 6.12
C ALA A 265 9.19 -2.04 7.20
N GLN A 266 8.81 -0.80 6.93
CA GLN A 266 8.06 -0.01 7.91
C GLN A 266 6.55 -0.07 7.71
N ILE A 267 6.11 -0.90 6.78
CA ILE A 267 4.70 -1.17 6.59
C ILE A 267 4.37 -2.49 7.30
N THR A 268 3.65 -2.41 8.41
CA THR A 268 3.37 -3.62 9.18
C THR A 268 2.08 -3.50 10.00
N GLY A 269 1.34 -4.60 10.10
CA GLY A 269 0.09 -4.63 10.83
C GLY A 269 -1.02 -3.79 10.19
N THR A 270 -0.97 -3.65 8.88
CA THR A 270 -1.93 -2.80 8.18
C THR A 270 -2.53 -3.52 6.97
N HIS A 271 -3.55 -2.90 6.37
CA HIS A 271 -4.18 -3.45 5.19
C HIS A 271 -4.01 -2.48 4.03
N VAL A 272 -3.98 -3.01 2.82
CA VAL A 272 -3.96 -2.18 1.63
C VAL A 272 -5.07 -2.63 0.71
N SER A 273 -6.11 -1.81 0.61
CA SER A 273 -7.24 -2.13 -0.26
C SER A 273 -6.88 -1.86 -1.72
N MSE A 274 -7.16 -2.85 -2.56
CA MSE A 274 -7.07 -2.66 -3.99
C MSE A 274 -8.42 -2.97 -4.59
O MSE A 274 -8.61 -4.04 -5.16
CB MSE A 274 -5.99 -3.57 -4.57
CG MSE A 274 -5.70 -3.26 -6.02
SE MSE A 274 -4.10 -4.16 -6.64
CE MSE A 274 -3.67 -2.93 -8.10
N ASP A 275 -9.34 -2.03 -4.48
CA ASP A 275 -10.72 -2.30 -4.84
C ASP A 275 -11.29 -1.27 -5.80
N GLY A 276 -10.43 -0.49 -6.43
CA GLY A 276 -10.87 0.53 -7.36
C GLY A 276 -11.84 1.54 -6.76
N GLY A 277 -11.90 1.61 -5.44
CA GLY A 277 -12.74 2.60 -4.77
C GLY A 277 -13.84 2.01 -3.91
N TRP A 278 -14.09 0.71 -4.09
CA TRP A 278 -15.10 0.00 -3.31
C TRP A 278 -15.30 0.56 -1.90
N THR A 279 -14.25 0.50 -1.08
CA THR A 279 -14.35 0.86 0.33
C THR A 279 -14.40 2.37 0.61
N ALA A 280 -14.14 3.17 -0.40
CA ALA A 280 -14.18 4.62 -0.25
C ALA A 280 -15.61 5.11 -0.06
N GLN A 281 -16.56 4.23 -0.31
CA GLN A 281 -17.98 4.56 -0.15
C GLN A 281 -18.64 3.61 0.84
N SER B 22 9.68 3.60 -16.01
CA SER B 22 10.09 4.99 -16.13
C SER B 22 8.92 5.96 -16.18
N MSE B 23 9.24 7.25 -16.14
CA MSE B 23 8.26 8.31 -15.99
C MSE B 23 8.54 9.44 -16.96
O MSE B 23 8.27 10.60 -16.67
CB MSE B 23 8.32 8.87 -14.57
CG MSE B 23 8.32 7.81 -13.49
SE MSE B 23 6.51 7.29 -12.99
CE MSE B 23 5.83 9.08 -12.76
N MSE B 24 9.08 9.11 -18.14
CA MSE B 24 9.46 10.10 -19.13
C MSE B 24 8.25 10.91 -19.61
O MSE B 24 7.13 10.41 -19.64
CB MSE B 24 10.12 9.42 -20.34
CG MSE B 24 11.24 8.47 -19.96
SE MSE B 24 12.20 7.81 -21.54
CE MSE B 24 12.69 9.53 -22.33
N THR B 25 8.50 12.16 -20.00
CA THR B 25 7.47 13.09 -20.47
C THR B 25 6.44 13.45 -19.39
N LYS B 26 6.28 12.59 -18.39
CA LYS B 26 5.39 12.86 -17.27
C LYS B 26 5.90 14.03 -16.43
N THR B 27 4.97 14.82 -15.90
CA THR B 27 5.32 15.97 -15.07
C THR B 27 4.73 15.81 -13.67
N ALA B 28 5.58 15.99 -12.65
CA ALA B 28 5.18 15.83 -11.27
C ALA B 28 5.24 17.16 -10.51
N VAL B 29 4.19 17.45 -9.77
CA VAL B 29 4.17 18.65 -8.92
C VAL B 29 4.07 18.24 -7.46
N ILE B 30 5.09 18.58 -6.69
CA ILE B 30 5.20 18.13 -5.30
C ILE B 30 5.34 19.29 -4.33
N THR B 31 4.25 19.70 -3.70
CA THR B 31 4.30 20.76 -2.72
C THR B 31 5.11 20.33 -1.50
N GLY B 32 5.79 21.29 -0.85
CA GLY B 32 6.64 20.98 0.27
C GLY B 32 7.73 19.98 -0.09
N SER B 33 8.42 20.24 -1.19
CA SER B 33 9.44 19.31 -1.69
C SER B 33 10.84 19.88 -1.64
N THR B 34 11.07 20.85 -0.77
CA THR B 34 12.40 21.43 -0.66
C THR B 34 13.22 20.76 0.44
N SER B 35 12.57 19.89 1.20
CA SER B 35 13.25 19.20 2.28
C SER B 35 12.50 17.94 2.69
N GLY B 36 13.22 17.01 3.31
CA GLY B 36 12.62 15.81 3.84
C GLY B 36 11.89 14.95 2.83
N ILE B 37 10.65 14.58 3.17
CA ILE B 37 9.86 13.64 2.39
C ILE B 37 9.60 14.13 0.98
N GLY B 38 8.93 15.28 0.87
CA GLY B 38 8.64 15.84 -0.43
C GLY B 38 9.84 15.84 -1.35
N LEU B 39 11.01 16.13 -0.77
CA LEU B 39 12.26 16.17 -1.51
C LEU B 39 12.68 14.77 -1.94
N ALA B 40 12.59 13.82 -1.00
CA ALA B 40 12.93 12.42 -1.28
C ALA B 40 12.09 11.88 -2.43
N ILE B 41 10.83 12.27 -2.47
CA ILE B 41 9.92 11.89 -3.54
C ILE B 41 10.36 12.50 -4.87
N ALA B 42 10.72 13.77 -4.83
CA ALA B 42 11.21 14.47 -6.01
C ALA B 42 12.41 13.76 -6.64
N ARG B 43 13.36 13.34 -5.80
CA ARG B 43 14.57 12.64 -6.25
C ARG B 43 14.27 11.31 -6.94
N THR B 44 13.25 10.59 -6.48
CA THR B 44 12.97 9.28 -7.05
C THR B 44 12.25 9.43 -8.39
N LEU B 45 11.26 10.32 -8.43
CA LEU B 45 10.55 10.61 -9.66
C LEU B 45 11.45 11.27 -10.68
N ALA B 46 12.58 11.81 -10.23
CA ALA B 46 13.55 12.41 -11.12
C ALA B 46 14.46 11.32 -11.70
N LYS B 47 14.93 10.42 -10.83
CA LYS B 47 15.72 9.29 -11.26
C LYS B 47 15.00 8.52 -12.36
N ALA B 48 13.67 8.60 -12.35
CA ALA B 48 12.83 7.88 -13.31
C ALA B 48 12.48 8.71 -14.55
N GLY B 49 13.05 9.91 -14.63
CA GLY B 49 12.99 10.72 -15.83
C GLY B 49 11.81 11.66 -15.98
N ALA B 50 11.13 11.97 -14.88
CA ALA B 50 10.00 12.89 -14.94
C ALA B 50 10.40 14.34 -14.72
N ASN B 51 9.62 15.27 -15.27
CA ASN B 51 9.81 16.68 -14.98
C ASN B 51 9.30 16.95 -13.57
N ILE B 52 10.04 17.75 -12.81
CA ILE B 52 9.64 18.03 -11.43
C ILE B 52 9.50 19.53 -11.14
N VAL B 53 8.30 19.92 -10.70
CA VAL B 53 8.10 21.24 -10.14
C VAL B 53 8.22 21.17 -8.62
N LEU B 54 9.28 21.78 -8.09
CA LEU B 54 9.46 21.83 -6.65
C LEU B 54 8.66 22.98 -6.07
N ASN B 55 8.73 23.17 -4.76
CA ASN B 55 7.96 24.21 -4.08
C ASN B 55 8.22 24.25 -2.58
N GLY B 56 8.15 25.44 -1.99
CA GLY B 56 8.24 25.58 -0.56
C GLY B 56 9.29 26.53 -0.02
N PHE B 57 9.17 26.85 1.27
CA PHE B 57 10.12 27.65 2.02
C PHE B 57 11.56 27.24 1.75
N GLY B 58 12.46 28.22 1.68
CA GLY B 58 13.87 27.95 1.48
C GLY B 58 14.68 29.20 1.16
N ALA B 59 15.81 29.36 1.83
CA ALA B 59 16.74 30.44 1.51
C ALA B 59 17.14 30.30 0.05
N PRO B 60 17.44 31.43 -0.60
CA PRO B 60 17.79 31.39 -2.02
C PRO B 60 18.89 30.36 -2.26
N ASP B 61 19.87 30.36 -1.38
CA ASP B 61 21.00 29.45 -1.46
C ASP B 61 20.54 28.00 -1.48
N GLU B 62 19.58 27.69 -0.61
CA GLU B 62 19.05 26.33 -0.46
C GLU B 62 18.14 25.95 -1.62
N ILE B 63 17.38 26.92 -2.11
CA ILE B 63 16.50 26.69 -3.26
C ILE B 63 17.29 26.35 -4.51
N ARG B 64 18.40 27.04 -4.74
CA ARG B 64 19.20 26.77 -5.92
C ARG B 64 19.97 25.47 -5.77
N THR B 65 20.49 25.22 -4.57
CA THR B 65 21.23 23.98 -4.31
C THR B 65 20.37 22.77 -4.65
N VAL B 66 19.23 22.67 -3.98
CA VAL B 66 18.31 21.56 -4.14
C VAL B 66 17.76 21.45 -5.57
N THR B 67 17.40 22.59 -6.14
CA THR B 67 16.85 22.61 -7.51
C THR B 67 17.85 22.08 -8.52
N ASP B 68 19.13 22.44 -8.34
CA ASP B 68 20.16 21.95 -9.24
C ASP B 68 20.49 20.49 -8.92
N GLU B 69 20.18 20.06 -7.70
CA GLU B 69 20.45 18.69 -7.28
C GLU B 69 19.46 17.74 -7.94
N VAL B 70 18.18 18.11 -7.91
CA VAL B 70 17.14 17.32 -8.55
C VAL B 70 17.29 17.38 -10.06
N ALA B 71 17.65 18.54 -10.58
CA ALA B 71 17.86 18.72 -12.00
C ALA B 71 18.86 17.68 -12.51
N GLY B 72 19.94 17.52 -11.76
CA GLY B 72 21.00 16.61 -12.15
C GLY B 72 20.64 15.15 -11.98
N LEU B 73 19.35 14.88 -11.78
CA LEU B 73 18.86 13.51 -11.70
C LEU B 73 17.89 13.24 -12.84
N SER B 74 17.16 14.27 -13.23
CA SER B 74 16.10 14.13 -14.21
C SER B 74 16.56 14.46 -15.62
N SER B 75 16.30 13.53 -16.54
CA SER B 75 16.55 13.78 -17.96
C SER B 75 15.62 14.88 -18.45
N GLY B 76 14.53 15.07 -17.71
CA GLY B 76 13.56 16.11 -18.04
C GLY B 76 13.89 17.45 -17.40
N THR B 77 12.86 18.28 -17.25
CA THR B 77 12.99 19.64 -16.76
C THR B 77 12.58 19.80 -15.30
N VAL B 78 13.51 20.27 -14.47
CA VAL B 78 13.23 20.51 -13.05
C VAL B 78 13.23 22.01 -12.76
N LEU B 79 12.25 22.48 -12.01
CA LEU B 79 12.14 23.91 -11.70
C LEU B 79 11.30 24.14 -10.44
N HIS B 80 11.62 25.20 -9.71
CA HIS B 80 10.98 25.48 -8.42
C HIS B 80 9.96 26.62 -8.50
N HIS B 81 8.86 26.48 -7.79
CA HIS B 81 7.85 27.54 -7.72
C HIS B 81 7.53 27.80 -6.25
N PRO B 82 7.54 29.08 -5.85
CA PRO B 82 7.42 29.46 -4.44
C PRO B 82 6.01 29.80 -3.95
N ALA B 83 4.99 29.08 -4.39
CA ALA B 83 3.64 29.40 -3.97
C ALA B 83 3.44 29.14 -2.48
N ASP B 84 3.09 30.20 -1.74
CA ASP B 84 2.73 30.06 -0.35
C ASP B 84 1.39 29.32 -0.25
N MSE B 85 1.42 28.14 0.37
CA MSE B 85 0.23 27.30 0.48
C MSE B 85 -0.93 27.98 1.22
O MSE B 85 -2.04 27.46 1.26
CB MSE B 85 0.57 25.98 1.15
CG MSE B 85 1.60 25.15 0.40
SE MSE B 85 1.07 24.84 -1.45
CE MSE B 85 -0.09 23.28 -1.20
N THR B 86 -0.65 29.13 1.83
CA THR B 86 -1.68 29.87 2.56
C THR B 86 -2.38 30.88 1.66
N LYS B 87 -1.90 31.01 0.43
CA LYS B 87 -2.46 31.95 -0.53
C LYS B 87 -3.06 31.21 -1.70
N PRO B 88 -4.37 30.92 -1.65
CA PRO B 88 -5.07 30.22 -2.73
C PRO B 88 -4.86 30.86 -4.09
N SER B 89 -4.60 32.16 -4.12
CA SER B 89 -4.33 32.85 -5.39
C SER B 89 -2.96 32.43 -5.94
N GLU B 90 -1.97 32.33 -5.06
CA GLU B 90 -0.62 31.97 -5.47
C GLU B 90 -0.56 30.51 -5.95
N ILE B 91 -1.32 29.66 -5.29
CA ILE B 91 -1.42 28.24 -5.66
C ILE B 91 -1.97 28.09 -7.07
N ALA B 92 -2.99 28.89 -7.39
CA ALA B 92 -3.52 28.91 -8.74
C ALA B 92 -2.42 29.24 -9.76
N ASP B 93 -1.51 30.13 -9.37
CA ASP B 93 -0.38 30.50 -10.21
C ASP B 93 0.41 29.25 -10.63
N MSE B 94 0.87 28.49 -9.64
CA MSE B 94 1.66 27.30 -9.93
C MSE B 94 0.84 26.34 -10.79
O MSE B 94 1.33 25.81 -11.78
CB MSE B 94 2.15 26.63 -8.65
CG MSE B 94 2.89 27.59 -7.69
SE MSE B 94 3.61 29.23 -8.54
CE MSE B 94 4.41 30.14 -7.02
N MSE B 95 -0.42 26.16 -10.42
CA MSE B 95 -1.32 25.28 -11.17
C MSE B 95 -1.52 25.75 -12.61
O MSE B 95 -1.66 24.93 -13.51
CB MSE B 95 -2.66 25.13 -10.45
CG MSE B 95 -2.82 23.77 -9.79
SE MSE B 95 -1.09 23.03 -9.30
CE MSE B 95 -1.40 21.17 -9.83
N ALA B 96 -1.53 27.07 -12.79
CA ALA B 96 -1.71 27.64 -14.12
C ALA B 96 -0.43 27.57 -14.95
N MSE B 97 0.70 27.90 -14.32
CA MSE B 97 1.97 27.89 -15.04
C MSE B 97 2.30 26.48 -15.48
O MSE B 97 2.94 26.27 -16.51
CB MSE B 97 3.10 28.48 -14.18
CG MSE B 97 3.92 27.47 -13.41
SE MSE B 97 5.28 26.57 -14.49
CE MSE B 97 6.18 25.55 -13.10
N VAL B 98 1.85 25.49 -14.70
CA VAL B 98 2.07 24.09 -15.02
C VAL B 98 1.27 23.67 -16.27
N ALA B 99 0.02 24.09 -16.33
CA ALA B 99 -0.82 23.83 -17.49
C ALA B 99 -0.18 24.42 -18.74
N ASP B 100 0.41 25.61 -18.58
CA ASP B 100 1.06 26.29 -19.69
C ASP B 100 2.33 25.54 -20.08
N ARG B 101 3.28 25.53 -19.16
CA ARG B 101 4.62 24.99 -19.41
C ARG B 101 4.58 23.52 -19.83
N PHE B 102 3.84 22.70 -19.10
CA PHE B 102 3.88 21.26 -19.28
C PHE B 102 2.59 20.63 -19.80
N GLY B 103 1.54 21.44 -19.90
CA GLY B 103 0.26 20.93 -20.33
C GLY B 103 -0.39 20.06 -19.27
N GLY B 104 -0.36 20.53 -18.02
CA GLY B 104 -0.98 19.81 -16.93
C GLY B 104 -0.02 18.90 -16.18
N ALA B 105 -0.19 18.82 -14.87
CA ALA B 105 0.61 17.92 -14.05
C ALA B 105 0.09 16.49 -14.20
N ASP B 106 1.00 15.53 -14.37
CA ASP B 106 0.62 14.14 -14.50
C ASP B 106 0.57 13.45 -13.14
N ILE B 107 1.40 13.94 -12.21
CA ILE B 107 1.40 13.46 -10.84
C ILE B 107 1.37 14.62 -9.88
N LEU B 108 0.45 14.55 -8.93
CA LEU B 108 0.32 15.60 -7.93
C LEU B 108 0.43 15.00 -6.55
N VAL B 109 1.53 15.28 -5.88
CA VAL B 109 1.66 14.85 -4.49
C VAL B 109 1.68 16.06 -3.57
N ASN B 110 0.80 16.03 -2.58
CA ASN B 110 0.71 17.08 -1.59
C ASN B 110 1.48 16.72 -0.32
N ASN B 111 2.56 17.45 -0.06
CA ASN B 111 3.41 17.18 1.10
C ASN B 111 3.56 18.38 2.03
N ALA B 112 3.06 19.54 1.59
CA ALA B 112 3.17 20.76 2.38
C ALA B 112 2.41 20.60 3.66
N GLY B 113 3.08 20.89 4.78
CA GLY B 113 2.47 20.74 6.10
C GLY B 113 3.16 21.53 7.19
N VAL B 114 2.37 22.27 7.96
CA VAL B 114 2.87 22.99 9.13
C VAL B 114 2.23 22.43 10.38
N GLN B 115 2.79 22.77 11.54
CA GLN B 115 2.36 22.18 12.80
C GLN B 115 2.40 23.19 13.94
N PHE B 116 1.72 22.86 15.04
CA PHE B 116 1.70 23.67 16.25
C PHE B 116 1.07 22.87 17.38
N VAL B 117 1.74 22.84 18.52
CA VAL B 117 1.26 22.05 19.64
C VAL B 117 0.82 22.91 20.82
N GLU B 118 -0.44 22.76 21.21
CA GLU B 118 -1.00 23.49 22.33
C GLU B 118 -2.38 22.92 22.65
N LYS B 119 -2.76 22.94 23.93
CA LYS B 119 -4.07 22.41 24.28
C LYS B 119 -5.17 23.32 23.76
N ILE B 120 -6.23 22.70 23.25
CA ILE B 120 -7.24 23.43 22.47
C ILE B 120 -7.67 24.77 23.06
N GLU B 121 -7.98 24.80 24.34
CA GLU B 121 -8.50 26.02 24.96
C GLU B 121 -7.49 27.17 24.94
N ASP B 122 -6.27 26.89 24.49
CA ASP B 122 -5.23 27.90 24.38
C ASP B 122 -4.59 27.87 23.01
N PHE B 123 -5.36 27.42 22.03
CA PHE B 123 -4.86 27.26 20.67
C PHE B 123 -5.16 28.51 19.84
N PRO B 124 -4.11 29.27 19.49
CA PRO B 124 -4.28 30.50 18.73
C PRO B 124 -5.15 30.29 17.50
N VAL B 125 -6.22 31.07 17.39
CA VAL B 125 -7.08 31.03 16.21
C VAL B 125 -6.27 31.31 14.94
N GLU B 126 -5.24 32.14 15.06
CA GLU B 126 -4.37 32.40 13.93
C GLU B 126 -3.71 31.10 13.48
N GLN B 127 -3.29 30.30 14.45
CA GLN B 127 -2.60 29.03 14.19
C GLN B 127 -3.54 27.98 13.62
N TRP B 128 -4.77 27.97 14.09
CA TRP B 128 -5.78 27.06 13.56
C TRP B 128 -6.00 27.30 12.07
N ASP B 129 -6.34 28.54 11.73
CA ASP B 129 -6.61 28.92 10.33
C ASP B 129 -5.42 28.64 9.44
N ARG B 130 -4.22 28.81 9.98
CA ARG B 130 -2.99 28.60 9.23
C ARG B 130 -2.77 27.11 8.96
N ILE B 131 -2.93 26.30 10.00
CA ILE B 131 -2.73 24.86 9.87
C ILE B 131 -3.73 24.23 8.89
N ILE B 132 -4.96 24.71 8.90
CA ILE B 132 -6.00 24.20 8.01
C ILE B 132 -5.67 24.60 6.57
N ALA B 133 -5.12 25.79 6.40
CA ALA B 133 -4.75 26.29 5.08
C ALA B 133 -3.74 25.39 4.39
N VAL B 134 -2.64 25.10 5.07
CA VAL B 134 -1.56 24.29 4.50
C VAL B 134 -1.89 22.80 4.51
N ASN B 135 -2.32 22.29 5.66
CA ASN B 135 -2.56 20.87 5.83
C ASN B 135 -3.82 20.35 5.15
N LEU B 136 -4.76 21.23 4.85
CA LEU B 136 -6.00 20.79 4.23
C LEU B 136 -6.39 21.55 2.97
N SER B 137 -6.73 22.83 3.12
CA SER B 137 -7.30 23.59 2.02
C SER B 137 -6.39 23.67 0.80
N SER B 138 -5.08 23.65 1.03
CA SER B 138 -4.12 23.76 -0.06
C SER B 138 -4.26 22.57 -1.02
N SER B 139 -4.45 21.38 -0.46
CA SER B 139 -4.64 20.19 -1.27
C SER B 139 -5.88 20.35 -2.14
N PHE B 140 -6.86 21.08 -1.63
CA PHE B 140 -8.07 21.38 -2.39
C PHE B 140 -7.75 22.23 -3.62
N HIS B 141 -7.09 23.36 -3.38
CA HIS B 141 -6.72 24.27 -4.45
C HIS B 141 -5.77 23.61 -5.43
N THR B 142 -4.95 22.71 -4.90
CA THR B 142 -3.94 22.07 -5.70
C THR B 142 -4.57 21.00 -6.58
N ILE B 143 -5.65 20.39 -6.09
CA ILE B 143 -6.31 19.30 -6.82
C ILE B 143 -7.30 19.83 -7.84
N ARG B 144 -8.09 20.82 -7.43
CA ARG B 144 -9.09 21.41 -8.31
C ARG B 144 -8.46 21.98 -9.58
N GLY B 145 -7.17 22.27 -9.51
CA GLY B 145 -6.46 22.83 -10.65
C GLY B 145 -5.83 21.76 -11.51
N ALA B 146 -5.48 20.64 -10.89
CA ALA B 146 -4.77 19.56 -11.57
C ALA B 146 -5.70 18.61 -12.32
N ILE B 147 -6.95 18.53 -11.86
CA ILE B 147 -7.90 17.55 -12.39
C ILE B 147 -8.20 17.65 -13.89
N PRO B 148 -8.59 18.85 -14.37
CA PRO B 148 -9.01 18.98 -15.77
C PRO B 148 -7.99 18.42 -16.78
N PRO B 149 -6.71 18.79 -16.65
CA PRO B 149 -5.74 18.26 -17.61
C PRO B 149 -5.56 16.75 -17.45
N MSE B 150 -5.73 16.26 -16.24
CA MSE B 150 -5.61 14.84 -15.98
C MSE B 150 -6.76 14.06 -16.60
O MSE B 150 -6.57 12.99 -17.18
CB MSE B 150 -5.52 14.57 -14.47
CG MSE B 150 -4.13 14.75 -13.89
SE MSE B 150 -4.16 14.48 -11.94
CE MSE B 150 -2.24 14.37 -11.61
N LYS B 151 -7.97 14.61 -16.49
CA LYS B 151 -9.14 14.03 -17.13
C LYS B 151 -8.94 13.97 -18.65
N LYS B 152 -8.64 15.12 -19.25
CA LYS B 152 -8.41 15.20 -20.69
C LYS B 152 -7.41 14.16 -21.14
N LYS B 153 -6.25 14.12 -20.47
CA LYS B 153 -5.21 13.15 -20.80
C LYS B 153 -5.62 11.73 -20.45
N GLY B 154 -6.65 11.60 -19.62
CA GLY B 154 -7.21 10.30 -19.28
C GLY B 154 -6.32 9.48 -18.34
N TRP B 155 -5.36 10.16 -17.71
CA TRP B 155 -4.48 9.50 -16.77
C TRP B 155 -4.05 10.48 -15.68
N GLY B 156 -3.73 9.96 -14.50
CA GLY B 156 -3.30 10.81 -13.40
C GLY B 156 -3.00 10.08 -12.10
N ARG B 157 -2.21 10.72 -11.25
CA ARG B 157 -1.89 10.17 -9.94
C ARG B 157 -1.82 11.28 -8.88
N ILE B 158 -2.76 11.27 -7.96
CA ILE B 158 -2.74 12.22 -6.86
C ILE B 158 -2.42 11.52 -5.54
N ILE B 159 -1.36 11.95 -4.86
CA ILE B 159 -0.89 11.27 -3.66
C ILE B 159 -0.69 12.27 -2.53
N ASN B 160 -1.60 12.23 -1.56
CA ASN B 160 -1.54 13.14 -0.42
C ASN B 160 -0.71 12.56 0.72
N ILE B 161 0.32 13.28 1.15
CA ILE B 161 1.10 12.84 2.31
C ILE B 161 0.45 13.31 3.59
N ALA B 162 -0.19 12.38 4.29
CA ALA B 162 -0.89 12.72 5.53
C ALA B 162 -0.03 12.40 6.75
N SER B 163 -0.45 11.38 7.49
CA SER B 163 0.22 10.96 8.73
C SER B 163 -0.67 9.99 9.48
N ALA B 164 -0.11 9.29 10.46
CA ALA B 164 -0.90 8.41 11.32
C ALA B 164 -2.04 9.18 11.97
N HIS B 165 -1.83 10.48 12.19
CA HIS B 165 -2.85 11.31 12.83
C HIS B 165 -4.04 11.59 11.91
N GLY B 166 -4.02 10.99 10.72
CA GLY B 166 -5.14 11.04 9.80
C GLY B 166 -6.07 9.86 10.03
N LEU B 167 -5.67 8.97 10.93
CA LEU B 167 -6.45 7.79 11.29
C LEU B 167 -6.71 7.76 12.79
N VAL B 168 -5.69 8.14 13.57
CA VAL B 168 -5.81 8.19 15.01
C VAL B 168 -5.35 9.55 15.51
N ALA B 169 -5.60 9.83 16.79
CA ALA B 169 -5.31 11.16 17.33
C ALA B 169 -4.22 11.16 18.40
N SER B 170 -3.75 12.36 18.71
CA SER B 170 -2.83 12.60 19.81
C SER B 170 -3.16 13.97 20.41
N PRO B 171 -3.03 14.10 21.74
CA PRO B 171 -3.41 15.34 22.43
C PRO B 171 -2.60 16.56 22.00
N PHE B 172 -3.24 17.72 22.02
CA PHE B 172 -2.57 19.00 21.76
C PHE B 172 -2.13 19.15 20.30
N LYS B 173 -2.71 18.33 19.43
CA LYS B 173 -2.42 18.42 18.01
C LYS B 173 -3.72 18.53 17.22
N SER B 174 -4.68 19.23 17.80
CA SER B 174 -6.03 19.30 17.25
C SER B 174 -6.09 19.76 15.79
N ALA B 175 -5.65 20.98 15.50
CA ALA B 175 -5.70 21.49 14.14
C ALA B 175 -5.04 20.51 13.17
N TYR B 176 -3.84 20.06 13.54
CA TYR B 176 -3.12 19.05 12.76
C TYR B 176 -4.00 17.84 12.48
N VAL B 177 -4.33 17.10 13.54
CA VAL B 177 -5.19 15.91 13.46
C VAL B 177 -6.43 16.15 12.60
N ALA B 178 -7.15 17.23 12.91
CA ALA B 178 -8.33 17.64 12.16
C ALA B 178 -8.08 17.74 10.66
N ALA B 179 -6.90 18.20 10.27
CA ALA B 179 -6.59 18.40 8.86
C ALA B 179 -6.27 17.10 8.14
N LYS B 180 -5.57 16.20 8.83
CA LYS B 180 -5.21 14.91 8.25
C LYS B 180 -6.44 14.02 8.08
N HIS B 181 -7.38 14.14 9.02
CA HIS B 181 -8.64 13.43 8.90
C HIS B 181 -9.46 13.97 7.73
N GLY B 182 -9.44 15.29 7.55
CA GLY B 182 -10.14 15.90 6.43
C GLY B 182 -9.52 15.51 5.11
N ILE B 183 -8.20 15.46 5.07
CA ILE B 183 -7.48 14.99 3.89
C ILE B 183 -7.91 13.58 3.51
N MSE B 184 -8.14 12.75 4.53
CA MSE B 184 -8.74 11.44 4.33
C MSE B 184 -10.00 11.56 3.49
O MSE B 184 -10.07 11.04 2.37
CB MSE B 184 -9.07 10.80 5.67
CG MSE B 184 -8.27 9.56 6.03
SE MSE B 184 -6.34 9.75 5.82
CE MSE B 184 -5.88 7.90 6.25
N GLY B 185 -11.00 12.25 4.03
CA GLY B 185 -12.26 12.46 3.33
C GLY B 185 -12.12 13.11 1.97
N LEU B 186 -11.21 14.09 1.85
CA LEU B 186 -10.96 14.74 0.57
C LEU B 186 -10.51 13.71 -0.45
N THR B 187 -9.62 12.81 -0.02
CA THR B 187 -9.12 11.76 -0.88
C THR B 187 -10.23 10.84 -1.34
N LYS B 188 -11.02 10.34 -0.38
CA LYS B 188 -12.12 9.43 -0.68
C LYS B 188 -13.09 10.01 -1.71
N THR B 189 -13.45 11.29 -1.55
CA THR B 189 -14.40 11.94 -2.45
C THR B 189 -13.86 12.07 -3.87
N VAL B 190 -12.76 12.80 -4.01
CA VAL B 190 -12.14 13.02 -5.31
C VAL B 190 -11.93 11.72 -6.06
N ALA B 191 -11.45 10.70 -5.34
CA ALA B 191 -11.20 9.41 -5.95
C ALA B 191 -12.46 8.86 -6.62
N LEU B 192 -13.59 9.01 -5.93
CA LEU B 192 -14.88 8.58 -6.49
C LEU B 192 -15.23 9.42 -7.71
N GLU B 193 -15.05 10.73 -7.60
CA GLU B 193 -15.37 11.65 -8.69
C GLU B 193 -14.66 11.29 -9.98
N VAL B 194 -13.40 10.89 -9.87
CA VAL B 194 -12.55 10.69 -11.05
C VAL B 194 -12.21 9.22 -11.32
N ALA B 195 -12.92 8.31 -10.67
CA ALA B 195 -12.64 6.88 -10.79
C ALA B 195 -12.52 6.42 -12.24
N GLU B 196 -13.41 6.93 -13.09
CA GLU B 196 -13.49 6.46 -14.47
C GLU B 196 -12.69 7.30 -15.47
N SER B 197 -11.61 7.91 -15.01
CA SER B 197 -10.84 8.80 -15.87
C SER B 197 -9.36 8.45 -15.92
N GLY B 198 -8.97 7.35 -15.29
CA GLY B 198 -7.59 6.93 -15.29
C GLY B 198 -6.78 7.62 -14.21
N VAL B 199 -7.46 8.41 -13.38
CA VAL B 199 -6.83 9.09 -12.25
C VAL B 199 -7.10 8.34 -10.95
N THR B 200 -6.07 8.20 -10.13
CA THR B 200 -6.24 7.63 -8.79
C THR B 200 -5.85 8.66 -7.74
N VAL B 201 -6.62 8.73 -6.66
CA VAL B 201 -6.33 9.64 -5.57
C VAL B 201 -6.13 8.85 -4.29
N ASN B 202 -4.94 8.95 -3.70
CA ASN B 202 -4.58 8.15 -2.54
C ASN B 202 -3.86 8.95 -1.46
N SER B 203 -3.70 8.32 -0.30
CA SER B 203 -3.02 8.95 0.82
C SER B 203 -2.02 8.01 1.46
N ILE B 204 -0.91 8.59 1.92
CA ILE B 204 0.10 7.84 2.64
C ILE B 204 0.19 8.41 4.05
N CYS B 205 0.10 7.53 5.05
CA CYS B 205 0.14 7.96 6.44
C CYS B 205 1.35 7.40 7.16
N PRO B 206 2.45 8.18 7.17
CA PRO B 206 3.70 7.75 7.82
C PRO B 206 3.64 7.89 9.34
N GLY B 207 4.50 7.15 10.03
CA GLY B 207 4.70 7.33 11.45
C GLY B 207 5.81 8.35 11.67
N TYR B 208 6.51 8.22 12.78
CA TYR B 208 7.63 9.12 13.05
C TYR B 208 8.71 8.95 11.99
N VAL B 209 8.82 9.94 11.12
CA VAL B 209 9.87 9.91 10.11
C VAL B 209 11.06 10.74 10.58
N LEU B 210 12.27 10.23 10.38
CA LEU B 210 13.47 10.96 10.77
C LEU B 210 13.70 12.15 9.86
N GLY B 240 5.13 4.74 20.69
CA GLY B 240 4.03 4.69 19.75
C GLY B 240 4.28 3.75 18.57
N GLN B 241 5.53 3.62 18.18
CA GLN B 241 5.90 2.73 17.08
C GLN B 241 6.51 1.42 17.57
N PRO B 242 5.72 0.34 17.52
CA PRO B 242 6.15 -0.99 17.97
C PRO B 242 7.45 -1.41 17.29
N THR B 243 7.69 -0.90 16.09
CA THR B 243 8.83 -1.28 15.30
C THR B 243 10.14 -0.72 15.89
N LYS B 244 10.00 0.35 16.69
CA LYS B 244 11.13 0.96 17.39
C LYS B 244 12.17 1.59 16.47
N LYS B 245 11.77 1.90 15.25
CA LYS B 245 12.68 2.51 14.29
C LYS B 245 11.99 3.62 13.51
N PHE B 246 12.75 4.67 13.20
CA PHE B 246 12.27 5.76 12.38
C PHE B 246 12.04 5.30 10.96
N ILE B 247 10.95 5.76 10.36
CA ILE B 247 10.73 5.57 8.94
C ILE B 247 11.65 6.55 8.22
N THR B 248 12.33 6.07 7.18
CA THR B 248 13.23 6.95 6.44
C THR B 248 12.53 7.53 5.22
N VAL B 249 12.82 8.80 4.93
CA VAL B 249 12.23 9.49 3.80
C VAL B 249 12.37 8.68 2.50
N GLU B 250 13.43 7.88 2.42
CA GLU B 250 13.68 7.05 1.24
C GLU B 250 12.62 5.95 1.10
N GLN B 251 12.20 5.41 2.24
CA GLN B 251 11.17 4.39 2.25
C GLN B 251 9.85 4.99 1.83
N VAL B 252 9.41 6.03 2.54
CA VAL B 252 8.20 6.76 2.19
C VAL B 252 8.15 7.07 0.68
N ALA B 253 9.30 7.41 0.11
CA ALA B 253 9.36 7.74 -1.30
C ALA B 253 9.06 6.53 -2.17
N SER B 254 9.60 5.37 -1.79
CA SER B 254 9.42 4.16 -2.58
C SER B 254 7.94 3.84 -2.71
N LEU B 255 7.18 4.12 -1.66
CA LEU B 255 5.75 3.89 -1.67
C LEU B 255 5.07 4.83 -2.67
N ALA B 256 5.47 6.09 -2.64
CA ALA B 256 4.97 7.08 -3.58
C ALA B 256 5.25 6.59 -5.01
N LEU B 257 6.48 6.12 -5.22
CA LEU B 257 6.88 5.65 -6.54
C LEU B 257 5.96 4.53 -7.01
N TYR B 258 5.62 3.63 -6.09
CA TYR B 258 4.75 2.51 -6.44
C TYR B 258 3.38 2.98 -6.87
N LEU B 259 2.72 3.77 -6.03
CA LEU B 259 1.37 4.24 -6.30
C LEU B 259 1.30 5.03 -7.59
N ALA B 260 2.47 5.38 -8.13
CA ALA B 260 2.55 6.13 -9.36
C ALA B 260 2.63 5.21 -10.58
N GLY B 261 3.08 3.98 -10.34
CA GLY B 261 3.18 3.00 -11.41
C GLY B 261 1.82 2.66 -11.98
N ASP B 262 1.81 1.99 -13.13
CA ASP B 262 0.55 1.60 -13.77
C ASP B 262 -0.07 0.39 -13.06
N ASP B 263 0.73 -0.30 -12.26
CA ASP B 263 0.25 -1.47 -11.53
C ASP B 263 -0.68 -1.05 -10.42
N ALA B 264 -0.53 0.18 -9.94
CA ALA B 264 -1.36 0.68 -8.85
C ALA B 264 -2.54 1.49 -9.39
N ALA B 265 -3.00 1.12 -10.58
CA ALA B 265 -4.13 1.79 -11.20
C ALA B 265 -5.43 1.47 -10.46
N GLN B 266 -5.52 0.27 -9.89
CA GLN B 266 -6.74 -0.17 -9.24
C GLN B 266 -6.77 0.16 -7.75
N ILE B 267 -5.74 0.87 -7.29
CA ILE B 267 -5.70 1.36 -5.92
C ILE B 267 -6.10 2.83 -5.91
N THR B 268 -7.33 3.11 -5.48
CA THR B 268 -7.80 4.49 -5.49
C THR B 268 -8.74 4.75 -4.31
N GLY B 269 -8.69 5.98 -3.78
CA GLY B 269 -9.52 6.37 -2.66
C GLY B 269 -9.08 5.79 -1.32
N THR B 270 -7.87 5.26 -1.28
CA THR B 270 -7.41 4.56 -0.07
C THR B 270 -6.20 5.22 0.58
N HIS B 271 -5.84 4.74 1.78
CA HIS B 271 -4.68 5.23 2.50
C HIS B 271 -3.74 4.08 2.81
N VAL B 272 -2.45 4.32 2.69
CA VAL B 272 -1.45 3.32 3.00
C VAL B 272 -0.65 3.74 4.24
N SER B 273 -0.87 3.04 5.34
CA SER B 273 -0.18 3.33 6.59
C SER B 273 1.23 2.75 6.63
N MSE B 274 2.22 3.61 6.79
CA MSE B 274 3.60 3.17 7.02
C MSE B 274 4.07 3.74 8.35
O MSE B 274 4.74 4.78 8.38
CB MSE B 274 4.50 3.64 5.89
CG MSE B 274 5.94 3.15 6.02
SE MSE B 274 7.09 3.71 4.54
CE MSE B 274 8.32 2.19 4.58
N ASP B 275 3.71 3.08 9.44
CA ASP B 275 3.96 3.60 10.78
C ASP B 275 4.60 2.59 11.73
N GLY B 276 5.04 1.46 11.18
CA GLY B 276 5.73 0.47 11.98
C GLY B 276 4.88 -0.18 13.05
N GLY B 277 3.58 -0.26 12.79
CA GLY B 277 2.66 -0.89 13.74
C GLY B 277 1.95 0.09 14.64
N TRP B 278 2.13 1.38 14.40
CA TRP B 278 1.50 2.44 15.20
C TRP B 278 -0.02 2.27 15.26
N THR B 279 -0.67 2.21 14.10
CA THR B 279 -2.13 2.15 14.05
C THR B 279 -2.67 0.75 14.28
N ALA B 280 -1.78 -0.24 14.26
CA ALA B 280 -2.15 -1.63 14.50
C ALA B 280 -2.66 -1.81 15.93
N GLN B 281 -2.58 -0.74 16.73
CA GLN B 281 -3.02 -0.79 18.12
C GLN B 281 -3.88 0.43 18.47
#